data_6QRF
#
_entry.id   6QRF
#
_cell.length_a   73.820
_cell.length_b   78.610
_cell.length_c   84.830
_cell.angle_alpha   90.000
_cell.angle_beta   90.000
_cell.angle_gamma   90.000
#
_symmetry.space_group_name_H-M   'P 21 21 21'
#
loop_
_entity.id
_entity.type
_entity.pdbx_description
1 polymer 'tRNA (guanine-N(1)-)-methyltransferase'
2 non-polymer '(phenylmethyl) 1~{H}-pyrazole-4-carboxylate'
3 non-polymer 'SULFATE ION'
4 water water
#
_entity_poly.entity_id   1
_entity_poly.type   'polypeptide(L)'
_entity_poly.pdbx_seq_one_letter_code
;GSMKIDVVTIFPEYLQPVRQSLPGKAIDAGLVDVAVHDLRRWTHDVHKSVDDSPYGGGPGMVMKPTVWGDALDEICTSET
LLVVPTPAGYPFTQETAWQWSTEDHLVIACGRYEGIDQRVADDAATRMRVREVSIGDYVLNGGEAAALVIIEAVLRLVPG
VLGNALSAQEDSHSEGMASLLEGPSYTRPPSWRGMDVPPVLLSGDHAKIAAWRAEQSRQRTIERRPDLLGFDSPTGEHGG
DGLS
;
_entity_poly.pdbx_strand_id   A,B
#
loop_
_chem_comp.id
_chem_comp.type
_chem_comp.name
_chem_comp.formula
JF5 non-polymer '(phenylmethyl) 1~{H}-pyrazole-4-carboxylate' 'C11 H10 N2 O2'
SO4 non-polymer 'SULFATE ION' 'O4 S -2'
#
# COMPACT_ATOMS: atom_id res chain seq x y z
N SER A 2 -3.64 7.14 -23.24
CA SER A 2 -4.00 5.76 -22.92
C SER A 2 -2.92 5.07 -22.11
N MET A 3 -3.33 4.20 -21.20
CA MET A 3 -2.38 3.39 -20.45
C MET A 3 -2.79 1.93 -20.44
N LYS A 4 -1.84 1.05 -20.71
CA LYS A 4 -2.03 -0.38 -20.51
C LYS A 4 -1.28 -0.79 -19.26
N ILE A 5 -1.95 -1.51 -18.37
CA ILE A 5 -1.28 -2.05 -17.19
C ILE A 5 -1.42 -3.58 -17.21
N ASP A 6 -0.30 -4.28 -17.14
CA ASP A 6 -0.33 -5.73 -17.00
C ASP A 6 0.18 -6.11 -15.63
N VAL A 7 -0.57 -6.93 -14.90
CA VAL A 7 -0.12 -7.43 -13.61
C VAL A 7 0.14 -8.92 -13.69
N VAL A 8 1.33 -9.34 -13.25
CA VAL A 8 1.69 -10.77 -13.22
C VAL A 8 1.80 -11.24 -11.79
N THR A 9 1.09 -12.33 -11.49
CA THR A 9 0.91 -12.78 -10.12
C THR A 9 0.50 -14.25 -10.07
N ILE A 10 0.74 -14.92 -8.94
CA ILE A 10 0.26 -16.29 -8.83
C ILE A 10 -1.14 -16.26 -8.22
N PHE A 11 -1.59 -15.05 -7.85
CA PHE A 11 -2.96 -14.87 -7.32
C PHE A 11 -3.78 -13.87 -8.14
N PRO A 12 -4.11 -14.21 -9.39
CA PRO A 12 -4.76 -13.29 -10.31
C PRO A 12 -6.09 -12.72 -9.81
N GLU A 13 -6.82 -13.48 -9.02
CA GLU A 13 -8.12 -13.01 -8.55
C GLU A 13 -7.98 -11.88 -7.52
N TYR A 14 -6.79 -11.73 -6.96
CA TYR A 14 -6.54 -10.63 -6.01
C TYR A 14 -6.76 -9.29 -6.69
N LEU A 15 -6.47 -9.22 -7.99
CA LEU A 15 -6.55 -7.96 -8.71
C LEU A 15 -7.92 -7.73 -9.34
N GLN A 16 -8.85 -8.64 -9.07
CA GLN A 16 -10.23 -8.50 -9.51
C GLN A 16 -10.92 -7.17 -9.10
N PRO A 17 -10.73 -6.71 -7.84
CA PRO A 17 -11.39 -5.47 -7.46
C PRO A 17 -10.98 -4.26 -8.29
N VAL A 18 -9.71 -4.12 -8.63
CA VAL A 18 -9.26 -2.94 -9.36
C VAL A 18 -9.59 -3.01 -10.85
N ARG A 19 -9.64 -4.23 -11.41
CA ARG A 19 -10.07 -4.41 -12.79
C ARG A 19 -11.58 -4.14 -12.87
N GLN A 20 -12.33 -4.77 -11.95
CA GLN A 20 -13.75 -4.49 -11.79
C GLN A 20 -13.96 -3.26 -10.92
N SER A 21 -13.43 -2.12 -11.37
CA SER A 21 -13.57 -0.84 -10.68
C SER A 21 -13.33 0.30 -11.67
N LEU A 22 -12.87 -0.07 -12.86
CA LEU A 22 -12.66 0.88 -13.94
C LEU A 22 -13.99 1.28 -14.54
N PRO A 23 -14.29 2.59 -14.55
CA PRO A 23 -15.48 3.09 -15.24
C PRO A 23 -15.49 2.63 -16.69
N GLY A 24 -16.68 2.28 -17.19
CA GLY A 24 -16.81 1.83 -18.56
C GLY A 24 -16.37 2.91 -19.53
N LYS A 25 -16.49 4.16 -19.11
CA LYS A 25 -16.17 5.30 -19.96
C LYS A 25 -14.67 5.39 -20.29
N ALA A 26 -13.80 5.17 -19.31
CA ALA A 26 -12.36 5.26 -19.53
C ALA A 26 -11.82 4.06 -20.30
N ILE A 27 -12.51 2.93 -20.19
CA ILE A 27 -12.13 1.73 -20.93
C ILE A 27 -12.57 1.85 -22.39
N ASP A 28 -13.78 2.37 -22.60
CA ASP A 28 -14.34 2.53 -23.94
C ASP A 28 -13.64 3.65 -24.72
N ALA A 29 -13.19 4.68 -24.02
CA ALA A 29 -12.41 5.74 -24.64
C ALA A 29 -11.00 5.25 -24.95
N GLY A 30 -10.71 4.00 -24.60
CA GLY A 30 -9.43 3.38 -24.85
C GLY A 30 -8.30 3.96 -24.02
N LEU A 31 -8.65 4.69 -22.96
CA LEU A 31 -7.66 5.41 -22.16
C LEU A 31 -7.02 4.53 -21.08
N VAL A 32 -7.65 3.41 -20.75
CA VAL A 32 -7.08 2.51 -19.75
C VAL A 32 -7.50 1.04 -19.94
N ASP A 33 -6.54 0.16 -19.75
CA ASP A 33 -6.79 -1.28 -19.82
C ASP A 33 -5.89 -1.99 -18.80
N VAL A 34 -6.51 -2.67 -17.85
CA VAL A 34 -5.75 -3.41 -16.85
C VAL A 34 -5.95 -4.91 -17.05
N ALA A 35 -4.88 -5.60 -17.43
CA ALA A 35 -4.92 -7.04 -17.64
C ALA A 35 -4.14 -7.75 -16.53
N VAL A 36 -4.67 -8.88 -16.09
CA VAL A 36 -4.02 -9.66 -15.04
C VAL A 36 -3.61 -11.02 -15.60
N HIS A 37 -2.39 -11.45 -15.27
CA HIS A 37 -1.84 -12.69 -15.82
C HIS A 37 -1.37 -13.64 -14.72
N ASP A 38 -1.77 -14.90 -14.85
CA ASP A 38 -1.33 -15.94 -13.92
C ASP A 38 0.08 -16.37 -14.25
N LEU A 39 1.02 -16.10 -13.35
CA LEU A 39 2.42 -16.48 -13.54
C LEU A 39 2.60 -17.95 -13.90
N ARG A 40 1.70 -18.81 -13.42
CA ARG A 40 1.87 -20.24 -13.65
C ARG A 40 1.68 -20.62 -15.11
N ARG A 41 1.17 -19.68 -15.89
CA ARG A 41 1.06 -19.86 -17.33
C ARG A 41 2.45 -20.13 -17.93
N TRP A 42 3.47 -19.60 -17.29
CA TRP A 42 4.84 -19.69 -17.81
C TRP A 42 5.72 -20.71 -17.09
N THR A 43 5.13 -21.58 -16.28
CA THR A 43 5.91 -22.63 -15.64
C THR A 43 6.25 -23.73 -16.67
N HIS A 44 7.27 -24.53 -16.37
CA HIS A 44 7.80 -25.52 -17.33
C HIS A 44 7.50 -26.96 -16.93
N ASP A 45 7.18 -27.16 -15.66
CA ASP A 45 7.06 -28.51 -15.13
C ASP A 45 5.63 -28.85 -14.79
N VAL A 46 5.40 -30.14 -14.65
CA VAL A 46 4.07 -30.63 -14.41
C VAL A 46 3.55 -30.13 -13.04
N HIS A 47 4.47 -29.81 -12.13
CA HIS A 47 4.11 -29.30 -10.80
C HIS A 47 3.87 -27.78 -10.78
N LYS A 48 4.05 -27.13 -11.92
CA LYS A 48 3.89 -25.67 -12.06
C LYS A 48 4.64 -24.90 -10.96
N SER A 49 5.92 -25.22 -10.81
CA SER A 49 6.74 -24.60 -9.78
C SER A 49 7.08 -23.16 -10.14
N VAL A 50 6.93 -22.26 -9.16
CA VAL A 50 7.32 -20.86 -9.34
C VAL A 50 8.45 -20.43 -8.42
N ASP A 51 8.79 -21.28 -7.45
CA ASP A 51 9.90 -20.92 -6.54
C ASP A 51 10.79 -22.13 -6.22
N ASP A 52 11.90 -21.84 -5.56
CA ASP A 52 12.95 -22.81 -5.31
C ASP A 52 13.77 -22.30 -4.11
N SER A 53 14.60 -23.16 -3.54
CA SER A 53 15.36 -22.78 -2.35
C SER A 53 16.43 -21.73 -2.66
N PRO A 54 16.71 -20.84 -1.71
CA PRO A 54 17.68 -19.77 -1.99
C PRO A 54 19.11 -20.28 -2.00
N TYR A 55 19.91 -19.83 -2.96
CA TYR A 55 21.33 -20.14 -2.89
C TYR A 55 21.95 -19.49 -1.68
N GLY A 56 22.87 -20.19 -1.04
CA GLY A 56 23.51 -19.67 0.15
C GLY A 56 22.69 -20.00 1.38
N GLY A 57 21.61 -20.73 1.15
CA GLY A 57 20.86 -21.36 2.22
C GLY A 57 19.89 -20.47 2.96
N GLY A 58 19.41 -20.98 4.09
CA GLY A 58 18.47 -20.27 4.93
C GLY A 58 17.04 -20.64 4.59
N PRO A 59 16.10 -20.27 5.45
CA PRO A 59 14.68 -20.47 5.15
C PRO A 59 14.19 -19.47 4.11
N GLY A 60 12.94 -19.65 3.66
CA GLY A 60 12.39 -18.80 2.63
C GLY A 60 12.48 -19.48 1.27
N MET A 61 11.77 -18.94 0.29
CA MET A 61 11.87 -19.44 -1.08
C MET A 61 12.05 -18.24 -1.98
N VAL A 62 12.66 -18.46 -3.14
CA VAL A 62 12.99 -17.39 -4.10
C VAL A 62 12.26 -17.72 -5.40
N MET A 63 11.66 -16.73 -6.05
CA MET A 63 10.91 -17.05 -7.28
C MET A 63 11.87 -17.32 -8.43
N LYS A 64 11.54 -18.33 -9.24
CA LYS A 64 12.42 -18.84 -10.29
C LYS A 64 12.66 -17.84 -11.41
N PRO A 65 13.93 -17.66 -11.80
CA PRO A 65 14.21 -16.71 -12.87
C PRO A 65 13.73 -17.21 -14.24
N THR A 66 13.74 -18.53 -14.44
CA THR A 66 13.35 -19.06 -15.75
C THR A 66 11.87 -18.81 -16.01
N VAL A 67 11.04 -18.95 -14.97
CA VAL A 67 9.61 -18.72 -15.13
C VAL A 67 9.33 -17.23 -15.34
N TRP A 68 9.91 -16.39 -14.50
CA TRP A 68 9.68 -14.95 -14.65
C TRP A 68 10.23 -14.40 -15.97
N GLY A 69 11.40 -14.90 -16.38
CA GLY A 69 12.02 -14.44 -17.62
C GLY A 69 11.12 -14.65 -18.83
N ASP A 70 10.49 -15.83 -18.89
CA ASP A 70 9.56 -16.15 -19.97
C ASP A 70 8.32 -15.26 -19.93
N ALA A 71 7.81 -15.02 -18.72
CA ALA A 71 6.61 -14.20 -18.60
C ALA A 71 6.89 -12.79 -19.08
N LEU A 72 7.97 -12.19 -18.60
CA LEU A 72 8.31 -10.82 -18.97
C LEU A 72 8.71 -10.71 -20.44
N ASP A 73 9.35 -11.75 -20.99
CA ASP A 73 9.67 -11.80 -22.42
C ASP A 73 8.41 -11.62 -23.25
N GLU A 74 7.35 -12.30 -22.83
CA GLU A 74 6.10 -12.27 -23.59
C GLU A 74 5.32 -10.97 -23.40
N ILE A 75 5.34 -10.46 -22.18
CA ILE A 75 4.49 -9.32 -21.81
CA ILE A 75 4.48 -9.33 -21.83
C ILE A 75 5.15 -7.98 -22.08
N CYS A 76 6.45 -7.88 -21.85
CA CYS A 76 7.10 -6.58 -21.95
C CYS A 76 7.56 -6.21 -23.35
N THR A 77 7.68 -4.91 -23.61
CA THR A 77 8.39 -4.42 -24.78
C THR A 77 9.46 -3.45 -24.30
N SER A 78 10.28 -2.95 -25.22
CA SER A 78 11.31 -1.99 -24.82
C SER A 78 10.71 -0.70 -24.22
N GLU A 79 9.43 -0.45 -24.48
CA GLU A 79 8.77 0.76 -23.99
C GLU A 79 8.17 0.59 -22.59
N THR A 80 8.11 -0.66 -22.14
CA THR A 80 7.53 -0.99 -20.84
C THR A 80 8.26 -0.37 -19.66
N LEU A 81 7.49 0.13 -18.70
CA LEU A 81 8.03 0.43 -17.39
C LEU A 81 7.75 -0.74 -16.47
N LEU A 82 8.80 -1.48 -16.11
CA LEU A 82 8.64 -2.67 -15.29
C LEU A 82 8.72 -2.29 -13.83
N VAL A 83 7.59 -2.45 -13.15
CA VAL A 83 7.50 -2.10 -11.73
C VAL A 83 7.55 -3.38 -10.90
N VAL A 84 8.50 -3.45 -9.96
CA VAL A 84 8.62 -4.61 -9.08
C VAL A 84 8.44 -4.18 -7.64
N PRO A 85 7.26 -4.44 -7.06
CA PRO A 85 7.11 -4.02 -5.66
C PRO A 85 7.90 -4.92 -4.72
N THR A 86 8.57 -4.32 -3.75
CA THR A 86 9.35 -5.08 -2.78
C THR A 86 9.70 -4.15 -1.61
N PRO A 87 9.76 -4.68 -0.40
CA PRO A 87 10.10 -3.81 0.73
C PRO A 87 11.55 -3.30 0.66
N ALA A 88 12.34 -3.86 -0.25
CA ALA A 88 13.71 -3.43 -0.41
C ALA A 88 13.88 -2.43 -1.54
N GLY A 89 12.77 -1.88 -2.04
CA GLY A 89 12.80 -1.01 -3.21
C GLY A 89 13.02 0.44 -2.83
N TYR A 90 13.16 1.29 -3.85
CA TYR A 90 13.17 2.72 -3.66
C TYR A 90 11.76 3.11 -3.23
N PRO A 91 11.63 4.19 -2.43
CA PRO A 91 10.29 4.62 -2.01
C PRO A 91 9.39 5.01 -3.17
N PHE A 92 8.19 4.46 -3.19
CA PHE A 92 7.13 4.90 -4.11
C PHE A 92 6.34 5.99 -3.40
N THR A 93 6.29 7.17 -4.02
CA THR A 93 5.61 8.31 -3.40
C THR A 93 4.69 8.97 -4.42
N GLN A 94 3.98 10.01 -3.98
CA GLN A 94 3.10 10.75 -4.88
C GLN A 94 3.86 11.25 -6.11
N GLU A 95 5.10 11.68 -5.92
CA GLU A 95 5.91 12.15 -7.04
C GLU A 95 6.07 11.01 -8.06
N THR A 96 6.27 9.79 -7.56
CA THR A 96 6.38 8.62 -8.45
C THR A 96 5.08 8.37 -9.19
N ALA A 97 3.96 8.43 -8.47
CA ALA A 97 2.65 8.25 -9.08
C ALA A 97 2.44 9.24 -10.23
N TRP A 98 2.74 10.51 -9.98
CA TRP A 98 2.63 11.54 -11.02
C TRP A 98 3.46 11.18 -12.23
N GLN A 99 4.71 10.77 -12.00
CA GLN A 99 5.59 10.49 -13.11
C GLN A 99 5.10 9.29 -13.92
N TRP A 100 4.64 8.26 -13.23
CA TRP A 100 4.22 7.05 -13.94
C TRP A 100 2.86 7.21 -14.59
N SER A 101 2.13 8.26 -14.22
CA SER A 101 0.77 8.47 -14.74
C SER A 101 0.74 8.78 -16.24
N THR A 102 1.88 9.14 -16.82
CA THR A 102 1.92 9.47 -18.24
C THR A 102 2.57 8.36 -19.06
N GLU A 103 2.83 7.22 -18.41
CA GLU A 103 3.42 6.07 -19.09
C GLU A 103 2.43 5.35 -19.99
N ASP A 104 2.91 4.82 -21.11
CA ASP A 104 2.05 4.06 -22.01
C ASP A 104 1.81 2.63 -21.53
N HIS A 105 2.80 2.06 -20.85
CA HIS A 105 2.74 0.65 -20.48
C HIS A 105 3.46 0.34 -19.17
N LEU A 106 2.68 -0.02 -18.16
CA LEU A 106 3.23 -0.48 -16.89
C LEU A 106 3.09 -1.98 -16.81
N VAL A 107 4.15 -2.68 -16.46
CA VAL A 107 4.01 -4.09 -16.09
C VAL A 107 4.38 -4.24 -14.61
N ILE A 108 3.48 -4.82 -13.83
CA ILE A 108 3.76 -4.97 -12.40
C ILE A 108 4.00 -6.43 -12.06
N ALA A 109 5.22 -6.74 -11.63
CA ALA A 109 5.59 -8.11 -11.29
C ALA A 109 5.47 -8.34 -9.79
N CYS A 110 4.44 -9.08 -9.41
CA CYS A 110 4.16 -9.37 -8.02
C CYS A 110 4.95 -10.57 -7.54
N GLY A 111 5.92 -10.31 -6.67
CA GLY A 111 6.72 -11.35 -6.07
C GLY A 111 6.07 -11.85 -4.80
N ARG A 112 6.53 -13.00 -4.33
CA ARG A 112 6.12 -13.48 -3.04
C ARG A 112 7.31 -13.64 -2.11
N TYR A 113 7.03 -13.41 -0.83
CA TYR A 113 7.97 -13.38 0.28
C TYR A 113 9.32 -14.03 0.03
N GLU A 114 10.33 -13.22 0.35
CA GLU A 114 11.75 -13.37 0.00
C GLU A 114 12.00 -12.68 -1.35
N GLY A 115 11.21 -13.01 -2.37
CA GLY A 115 11.24 -12.23 -3.59
C GLY A 115 11.61 -12.99 -4.85
N ILE A 116 11.96 -12.25 -5.90
CA ILE A 116 12.31 -12.82 -7.20
C ILE A 116 13.83 -12.83 -7.38
N ASP A 117 14.35 -13.92 -7.94
CA ASP A 117 15.76 -14.01 -8.32
C ASP A 117 16.20 -12.70 -8.96
N GLN A 118 17.29 -12.12 -8.46
CA GLN A 118 17.68 -10.77 -8.85
C GLN A 118 18.01 -10.67 -10.33
N ARG A 119 18.33 -11.79 -10.95
CA ARG A 119 18.72 -11.76 -12.36
C ARG A 119 17.56 -11.38 -13.26
N VAL A 120 16.33 -11.61 -12.80
CA VAL A 120 15.17 -11.25 -13.61
C VAL A 120 15.14 -9.75 -13.85
N ALA A 121 15.21 -8.97 -12.77
CA ALA A 121 15.20 -7.51 -12.91
C ALA A 121 16.46 -7.01 -13.61
N ASP A 122 17.61 -7.57 -13.24
CA ASP A 122 18.88 -7.19 -13.84
C ASP A 122 18.88 -7.42 -15.37
N ASP A 123 18.35 -8.57 -15.79
CA ASP A 123 18.24 -8.84 -17.22
C ASP A 123 17.26 -7.87 -17.91
N ALA A 124 16.09 -7.68 -17.30
CA ALA A 124 15.09 -6.79 -17.89
C ALA A 124 15.66 -5.40 -18.07
N ALA A 125 16.45 -4.97 -17.08
CA ALA A 125 17.00 -3.61 -17.08
C ALA A 125 17.95 -3.33 -18.24
N THR A 126 18.41 -4.38 -18.92
CA THR A 126 19.29 -4.16 -20.08
C THR A 126 18.50 -3.81 -21.34
N ARG A 127 17.17 -3.92 -21.30
CA ARG A 127 16.40 -3.56 -22.49
C ARG A 127 15.10 -2.79 -22.21
N MET A 128 14.81 -2.51 -20.95
CA MET A 128 13.67 -1.68 -20.61
C MET A 128 13.96 -0.97 -19.29
N ARG A 129 13.10 -0.02 -18.92
CA ARG A 129 13.24 0.68 -17.65
C ARG A 129 12.63 -0.18 -16.54
N VAL A 130 13.38 -0.38 -15.47
CA VAL A 130 12.92 -1.21 -14.37
C VAL A 130 12.92 -0.40 -13.07
N ARG A 131 11.87 -0.55 -12.27
CA ARG A 131 11.78 0.21 -11.00
C ARG A 131 11.39 -0.72 -9.87
N GLU A 132 12.33 -1.02 -8.98
CA GLU A 132 12.03 -1.73 -7.76
C GLU A 132 11.56 -0.71 -6.73
N VAL A 133 10.35 -0.86 -6.22
CA VAL A 133 9.83 0.16 -5.32
C VAL A 133 9.12 -0.42 -4.10
N SER A 134 9.17 0.34 -3.02
CA SER A 134 8.48 -0.03 -1.79
CA SER A 134 8.45 -0.05 -1.81
C SER A 134 7.32 0.92 -1.56
N ILE A 135 6.14 0.41 -1.21
CA ILE A 135 5.04 1.32 -0.91
C ILE A 135 5.02 1.73 0.58
N GLY A 136 5.96 1.21 1.36
CA GLY A 136 5.99 1.52 2.78
C GLY A 136 6.85 0.55 3.54
N ASP A 137 7.17 0.91 4.77
CA ASP A 137 8.13 0.15 5.58
C ASP A 137 7.46 -0.93 6.42
N TYR A 138 7.03 -1.97 5.73
CA TYR A 138 6.40 -3.12 6.35
C TYR A 138 6.55 -4.28 5.37
N VAL A 139 6.31 -5.49 5.86
CA VAL A 139 6.48 -6.66 5.01
C VAL A 139 5.14 -7.31 4.74
N LEU A 140 4.86 -7.58 3.47
CA LEU A 140 3.65 -8.28 3.10
C LEU A 140 4.05 -9.68 2.67
N ASN A 141 3.08 -10.57 2.47
CA ASN A 141 3.39 -11.91 2.00
C ASN A 141 3.67 -11.90 0.50
N GLY A 142 3.10 -10.92 -0.20
CA GLY A 142 3.24 -10.84 -1.64
C GLY A 142 3.00 -9.44 -2.17
N GLY A 143 3.38 -9.21 -3.42
CA GLY A 143 3.29 -7.89 -4.01
C GLY A 143 1.90 -7.44 -4.40
N GLU A 144 0.91 -8.32 -4.30
CA GLU A 144 -0.40 -8.01 -4.85
C GLU A 144 -1.10 -6.82 -4.20
N ALA A 145 -1.04 -6.69 -2.88
CA ALA A 145 -1.63 -5.50 -2.26
C ALA A 145 -0.88 -4.24 -2.68
N ALA A 146 0.43 -4.35 -2.83
CA ALA A 146 1.21 -3.19 -3.24
C ALA A 146 0.88 -2.80 -4.67
N ALA A 147 0.58 -3.78 -5.52
CA ALA A 147 0.16 -3.49 -6.87
C ALA A 147 -1.15 -2.71 -6.87
N LEU A 148 -2.08 -3.12 -6.01
CA LEU A 148 -3.37 -2.41 -5.89
C LEU A 148 -3.14 -0.95 -5.54
N VAL A 149 -2.26 -0.73 -4.57
CA VAL A 149 -1.97 0.62 -4.10
C VAL A 149 -1.36 1.45 -5.23
N ILE A 150 -0.39 0.86 -5.92
CA ILE A 150 0.28 1.54 -7.01
C ILE A 150 -0.69 1.89 -8.15
N ILE A 151 -1.49 0.91 -8.55
CA ILE A 151 -2.45 1.13 -9.64
C ILE A 151 -3.43 2.23 -9.29
N GLU A 152 -3.93 2.22 -8.06
CA GLU A 152 -4.90 3.23 -7.67
C GLU A 152 -4.27 4.62 -7.62
N ALA A 153 -3.10 4.73 -6.99
CA ALA A 153 -2.41 6.02 -6.88
C ALA A 153 -2.05 6.61 -8.25
N VAL A 154 -1.63 5.76 -9.19
CA VAL A 154 -1.27 6.23 -10.53
C VAL A 154 -2.53 6.57 -11.31
N LEU A 155 -3.48 5.63 -11.38
CA LEU A 155 -4.63 5.81 -12.28
C LEU A 155 -5.53 6.99 -11.90
N ARG A 156 -5.56 7.33 -10.61
CA ARG A 156 -6.42 8.43 -10.17
C ARG A 156 -5.83 9.77 -10.63
N LEU A 157 -4.57 9.74 -11.07
CA LEU A 157 -3.92 10.92 -11.66
C LEU A 157 -4.05 10.95 -13.17
N VAL A 158 -4.54 9.86 -13.76
CA VAL A 158 -4.75 9.84 -15.20
C VAL A 158 -6.12 10.43 -15.44
N PRO A 159 -6.15 11.57 -16.13
CA PRO A 159 -7.36 12.37 -16.35
C PRO A 159 -8.58 11.53 -16.75
N GLY A 160 -9.57 11.50 -15.88
CA GLY A 160 -10.86 10.88 -16.17
C GLY A 160 -10.96 9.38 -16.03
N VAL A 161 -9.90 8.74 -15.53
CA VAL A 161 -9.90 7.29 -15.45
C VAL A 161 -10.73 6.75 -14.29
N LEU A 162 -10.41 7.12 -13.06
CA LEU A 162 -11.16 6.60 -11.90
C LEU A 162 -12.37 7.47 -11.53
N GLY A 163 -12.50 8.61 -12.18
CA GLY A 163 -13.61 9.51 -11.92
C GLY A 163 -13.21 10.78 -11.18
N SER A 179 5.66 18.10 1.80
CA SER A 179 5.37 19.42 2.32
C SER A 179 4.76 19.34 3.73
N LEU A 180 3.44 19.46 3.81
CA LEU A 180 2.74 19.38 5.08
C LEU A 180 1.52 18.45 5.00
N LEU A 181 1.05 18.01 6.16
CA LEU A 181 -0.14 17.19 6.24
C LEU A 181 -1.38 18.07 6.19
N GLU A 182 -2.47 17.56 5.64
CA GLU A 182 -3.75 18.26 5.68
C GLU A 182 -4.35 18.17 7.08
N GLY A 183 -4.88 19.28 7.57
CA GLY A 183 -5.52 19.32 8.87
C GLY A 183 -6.90 18.69 8.80
N PRO A 184 -7.65 18.75 9.91
CA PRO A 184 -8.97 18.13 10.01
C PRO A 184 -9.98 18.76 9.04
N SER A 185 -10.94 17.97 8.60
CA SER A 185 -12.01 18.44 7.73
CA SER A 185 -12.00 18.48 7.74
C SER A 185 -13.34 18.23 8.41
N TYR A 186 -14.32 19.06 8.08
CA TYR A 186 -15.64 18.99 8.71
C TYR A 186 -16.71 19.21 7.66
N THR A 187 -17.89 18.63 7.89
CA THR A 187 -19.04 18.94 7.07
C THR A 187 -20.28 18.88 7.93
N ARG A 188 -21.46 18.91 7.30
CA ARG A 188 -22.70 18.92 8.06
C ARG A 188 -22.83 17.66 8.93
N PRO A 189 -23.48 17.78 10.10
CA PRO A 189 -24.11 18.96 10.69
C PRO A 189 -23.11 19.85 11.46
N PRO A 190 -23.49 21.10 11.72
CA PRO A 190 -22.60 22.03 12.43
C PRO A 190 -22.29 21.60 13.87
N SER A 191 -23.19 20.82 14.47
CA SER A 191 -22.96 20.30 15.81
CA SER A 191 -22.97 20.30 15.81
C SER A 191 -23.34 18.82 15.85
N TRP A 192 -22.47 18.01 16.45
CA TRP A 192 -22.67 16.56 16.48
C TRP A 192 -22.03 15.93 17.70
N ARG A 193 -22.85 15.24 18.49
CA ARG A 193 -22.41 14.56 19.72
C ARG A 193 -21.58 15.50 20.59
N GLY A 194 -22.06 16.74 20.72
CA GLY A 194 -21.44 17.72 21.59
C GLY A 194 -20.21 18.38 21.02
N MET A 195 -19.94 18.13 19.74
CA MET A 195 -18.76 18.71 19.11
C MET A 195 -19.18 19.65 17.98
N ASP A 196 -18.78 20.91 18.11
CA ASP A 196 -19.06 21.93 17.11
C ASP A 196 -17.97 22.03 16.07
N VAL A 197 -18.36 22.24 14.82
CA VAL A 197 -17.39 22.63 13.79
C VAL A 197 -16.73 23.94 14.22
N PRO A 198 -15.38 24.02 14.09
CA PRO A 198 -14.70 25.28 14.44
C PRO A 198 -15.34 26.50 13.80
N PRO A 199 -15.76 27.48 14.62
CA PRO A 199 -16.56 28.61 14.12
C PRO A 199 -15.86 29.39 13.02
N VAL A 200 -14.52 29.41 13.02
CA VAL A 200 -13.81 30.16 12.00
C VAL A 200 -14.20 29.69 10.58
N LEU A 201 -14.50 28.40 10.45
CA LEU A 201 -14.81 27.82 9.14
C LEU A 201 -16.14 28.32 8.60
N LEU A 202 -16.97 28.82 9.50
CA LEU A 202 -18.28 29.34 9.10
C LEU A 202 -18.29 30.87 9.06
N SER A 203 -17.12 31.47 9.21
CA SER A 203 -17.00 32.93 9.37
C SER A 203 -17.13 33.74 8.09
N GLY A 204 -16.85 33.13 6.94
CA GLY A 204 -16.86 33.88 5.69
C GLY A 204 -15.64 34.77 5.55
N ASP A 205 -14.66 34.59 6.43
CA ASP A 205 -13.39 35.32 6.35
C ASP A 205 -12.35 34.40 5.76
N HIS A 206 -12.19 34.41 4.43
CA HIS A 206 -11.48 33.32 3.79
C HIS A 206 -9.97 33.41 3.94
N ALA A 207 -9.45 34.61 4.15
CA ALA A 207 -8.04 34.77 4.48
C ALA A 207 -7.74 34.16 5.85
N LYS A 208 -8.62 34.42 6.81
CA LYS A 208 -8.48 33.87 8.15
C LYS A 208 -8.63 32.35 8.16
N ILE A 209 -9.60 31.85 7.40
CA ILE A 209 -9.76 30.40 7.25
C ILE A 209 -8.49 29.73 6.71
N ALA A 210 -7.88 30.33 5.68
CA ALA A 210 -6.63 29.80 5.14
C ALA A 210 -5.52 29.77 6.18
N ALA A 211 -5.40 30.85 6.97
CA ALA A 211 -4.35 30.89 7.99
C ALA A 211 -4.60 29.86 9.10
N TRP A 212 -5.87 29.66 9.44
CA TRP A 212 -6.24 28.67 10.45
C TRP A 212 -5.88 27.28 9.96
N ARG A 213 -6.20 27.00 8.70
CA ARG A 213 -5.91 25.70 8.12
C ARG A 213 -4.40 25.43 8.04
N ALA A 214 -3.63 26.48 7.76
CA ALA A 214 -2.18 26.37 7.71
C ALA A 214 -1.58 26.04 9.08
N GLU A 215 -2.09 26.67 10.12
CA GLU A 215 -1.61 26.36 11.47
C GLU A 215 -2.05 24.95 11.86
N GLN A 216 -3.27 24.56 11.48
CA GLN A 216 -3.72 23.19 11.80
C GLN A 216 -2.80 22.18 11.15
N SER A 217 -2.44 22.47 9.90
CA SER A 217 -1.53 21.62 9.14
CA SER A 217 -1.53 21.61 9.14
C SER A 217 -0.15 21.55 9.78
N ARG A 218 0.34 22.69 10.25
CA ARG A 218 1.65 22.75 10.88
C ARG A 218 1.63 21.91 12.16
N GLN A 219 0.60 22.10 12.97
CA GLN A 219 0.51 21.39 14.25
C GLN A 219 0.43 19.88 14.02
N ARG A 220 -0.39 19.47 13.05
CA ARG A 220 -0.58 18.05 12.79
C ARG A 220 0.70 17.40 12.27
N THR A 221 1.42 18.13 11.43
CA THR A 221 2.67 17.61 10.87
C THR A 221 3.72 17.47 11.97
N ILE A 222 3.83 18.47 12.83
CA ILE A 222 4.78 18.41 13.96
C ILE A 222 4.48 17.18 14.83
N GLU A 223 3.20 16.95 15.09
CA GLU A 223 2.78 15.86 15.98
C GLU A 223 2.94 14.48 15.32
N ARG A 224 2.57 14.36 14.06
CA ARG A 224 2.51 13.04 13.40
C ARG A 224 3.68 12.71 12.50
N ARG A 225 4.26 13.73 11.86
CA ARG A 225 5.34 13.53 10.89
C ARG A 225 6.46 14.55 11.05
N PRO A 226 7.16 14.54 12.20
CA PRO A 226 8.22 15.56 12.37
C PRO A 226 9.36 15.38 11.35
N ASP A 227 9.41 14.23 10.68
CA ASP A 227 10.38 13.99 9.63
C ASP A 227 10.18 14.94 8.44
N LEU A 228 8.95 15.39 8.25
CA LEU A 228 8.64 16.28 7.14
C LEU A 228 9.12 17.70 7.41
N LEU A 229 9.71 17.91 8.58
CA LEU A 229 10.29 19.20 8.93
C LEU A 229 11.77 19.04 9.26
N SER B 2 -6.32 -15.60 18.49
CA SER B 2 -7.58 -15.29 17.81
C SER B 2 -7.83 -13.79 17.75
N MET B 3 -8.13 -13.30 16.55
CA MET B 3 -8.35 -11.87 16.35
C MET B 3 -9.59 -11.64 15.50
N LYS B 4 -10.31 -10.55 15.78
CA LYS B 4 -11.41 -10.13 14.94
C LYS B 4 -11.02 -8.85 14.21
N ILE B 5 -11.26 -8.81 12.90
CA ILE B 5 -11.05 -7.59 12.14
C ILE B 5 -12.34 -7.24 11.42
N ASP B 6 -12.86 -6.04 11.71
CA ASP B 6 -14.03 -5.53 10.99
C ASP B 6 -13.62 -4.39 10.09
N VAL B 7 -14.04 -4.43 8.83
CA VAL B 7 -13.75 -3.34 7.90
C VAL B 7 -15.05 -2.63 7.53
N VAL B 8 -15.05 -1.31 7.60
CA VAL B 8 -16.25 -0.55 7.24
C VAL B 8 -15.96 0.29 6.02
N THR B 9 -16.83 0.21 5.02
CA THR B 9 -16.56 0.80 3.73
C THR B 9 -17.85 1.01 2.94
N ILE B 10 -17.86 2.00 2.05
CA ILE B 10 -18.97 2.17 1.14
C ILE B 10 -18.74 1.35 -0.13
N PHE B 11 -17.59 0.68 -0.20
CA PHE B 11 -17.29 -0.21 -1.31
C PHE B 11 -16.88 -1.61 -0.86
N PRO B 12 -17.80 -2.35 -0.19
CA PRO B 12 -17.47 -3.67 0.35
C PRO B 12 -16.97 -4.68 -0.70
N GLU B 13 -17.33 -4.47 -1.96
CA GLU B 13 -16.87 -5.37 -3.01
C GLU B 13 -15.35 -5.37 -3.14
N TYR B 14 -14.74 -4.20 -2.95
CA TYR B 14 -13.29 -4.04 -3.08
C TYR B 14 -12.53 -4.87 -2.03
N LEU B 15 -13.22 -5.32 -0.99
CA LEU B 15 -12.58 -6.09 0.07
C LEU B 15 -12.71 -7.60 -0.12
N GLN B 16 -13.04 -8.02 -1.34
CA GLN B 16 -13.01 -9.44 -1.69
C GLN B 16 -11.61 -10.10 -1.65
N PRO B 17 -10.52 -9.33 -1.92
CA PRO B 17 -9.20 -10.00 -1.89
C PRO B 17 -8.76 -10.55 -0.52
N VAL B 18 -9.49 -10.28 0.56
CA VAL B 18 -9.11 -10.82 1.87
C VAL B 18 -9.33 -12.34 1.90
N ASP B 28 -8.31 -21.38 6.00
CA ASP B 28 -9.40 -21.17 6.96
C ASP B 28 -9.40 -19.73 7.47
N ALA B 29 -10.37 -19.44 8.34
CA ALA B 29 -10.31 -18.26 9.17
C ALA B 29 -9.47 -18.60 10.40
N GLY B 30 -10.05 -19.39 11.30
CA GLY B 30 -9.32 -20.01 12.40
C GLY B 30 -8.70 -19.12 13.45
N LEU B 31 -7.57 -18.52 13.12
CA LEU B 31 -6.85 -17.68 14.06
C LEU B 31 -7.31 -16.23 13.95
N VAL B 32 -8.13 -15.97 12.94
CA VAL B 32 -8.69 -14.64 12.73
C VAL B 32 -10.02 -14.73 12.00
N ASP B 33 -10.93 -13.81 12.34
CA ASP B 33 -12.18 -13.62 11.61
C ASP B 33 -12.20 -12.22 11.03
N VAL B 34 -12.46 -12.12 9.73
CA VAL B 34 -12.55 -10.83 9.06
C VAL B 34 -13.94 -10.62 8.48
N ALA B 35 -14.60 -9.54 8.92
CA ALA B 35 -15.94 -9.20 8.44
C ALA B 35 -15.91 -7.86 7.75
N VAL B 36 -16.57 -7.76 6.60
CA VAL B 36 -16.65 -6.48 5.88
C VAL B 36 -18.07 -5.94 5.91
N HIS B 37 -18.21 -4.67 6.29
CA HIS B 37 -19.52 -4.05 6.45
C HIS B 37 -19.73 -2.87 5.52
N ASP B 38 -20.92 -2.82 4.93
CA ASP B 38 -21.35 -1.75 4.04
C ASP B 38 -21.83 -0.57 4.89
N LEU B 39 -21.08 0.54 4.86
CA LEU B 39 -21.41 1.73 5.66
C LEU B 39 -22.86 2.20 5.42
N ARG B 40 -23.36 2.03 4.19
CA ARG B 40 -24.70 2.48 3.84
C ARG B 40 -25.81 1.74 4.61
N ARG B 41 -25.48 0.62 5.25
CA ARG B 41 -26.44 -0.11 6.06
C ARG B 41 -26.85 0.68 7.31
N TRP B 42 -26.18 1.81 7.55
CA TRP B 42 -26.49 2.64 8.71
C TRP B 42 -27.05 4.01 8.32
N THR B 43 -27.43 4.17 7.05
CA THR B 43 -28.10 5.38 6.62
C THR B 43 -29.62 5.20 6.75
N LYS B 48 -29.72 9.12 3.42
CA LYS B 48 -29.40 9.78 2.17
C LYS B 48 -27.93 9.59 1.80
N SER B 49 -27.25 10.68 1.48
CA SER B 49 -25.85 10.63 1.08
C SER B 49 -24.93 10.49 2.29
N VAL B 50 -23.74 9.98 2.06
CA VAL B 50 -22.76 9.80 3.11
C VAL B 50 -21.76 10.96 3.19
N ASP B 51 -21.84 11.90 2.25
CA ASP B 51 -20.86 13.00 2.21
C ASP B 51 -21.43 14.36 1.81
N ASP B 52 -20.66 15.41 2.03
CA ASP B 52 -21.08 16.76 1.63
C ASP B 52 -19.87 17.66 1.51
N SER B 53 -20.10 18.88 1.05
CA SER B 53 -19.01 19.84 0.86
C SER B 53 -18.44 20.24 2.22
N PRO B 54 -17.14 20.55 2.25
CA PRO B 54 -16.45 20.92 3.50
C PRO B 54 -16.82 22.30 4.03
N TYR B 55 -17.06 22.39 5.33
CA TYR B 55 -17.13 23.70 5.96
C TYR B 55 -15.83 24.44 5.73
N GLY B 56 -15.92 25.74 5.42
CA GLY B 56 -14.73 26.53 5.21
C GLY B 56 -14.29 26.50 3.75
N GLY B 57 -14.97 25.67 2.97
CA GLY B 57 -14.71 25.62 1.54
C GLY B 57 -13.58 24.68 1.14
N GLY B 58 -13.37 24.56 -0.17
CA GLY B 58 -12.34 23.69 -0.69
C GLY B 58 -12.95 22.70 -1.66
N PRO B 59 -12.11 21.98 -2.39
CA PRO B 59 -12.62 21.01 -3.36
C PRO B 59 -12.99 19.69 -2.71
N GLY B 60 -13.89 18.95 -3.36
CA GLY B 60 -14.18 17.60 -2.93
C GLY B 60 -15.23 17.53 -1.85
N MET B 61 -15.40 16.33 -1.33
CA MET B 61 -16.44 16.06 -0.36
C MET B 61 -15.82 15.46 0.88
N VAL B 62 -16.53 15.62 2.00
CA VAL B 62 -16.13 15.05 3.28
C VAL B 62 -17.21 14.08 3.73
N MET B 63 -16.83 12.93 4.28
CA MET B 63 -17.87 12.00 4.76
C MET B 63 -18.50 12.53 6.05
N LYS B 64 -19.84 12.51 6.07
CA LYS B 64 -20.58 13.02 7.21
C LYS B 64 -20.33 12.16 8.43
N PRO B 65 -20.33 12.78 9.61
CA PRO B 65 -20.04 12.05 10.84
C PRO B 65 -21.18 11.14 11.28
N THR B 66 -22.41 11.51 10.92
CA THR B 66 -23.60 10.84 11.43
C THR B 66 -23.66 9.34 11.12
N VAL B 67 -23.52 9.01 9.83
CA VAL B 67 -23.50 7.60 9.41
C VAL B 67 -22.38 6.82 10.11
N TRP B 68 -21.21 7.42 10.19
CA TRP B 68 -20.06 6.74 10.79
C TRP B 68 -20.29 6.48 12.26
N GLY B 69 -20.83 7.47 12.95
CA GLY B 69 -21.14 7.34 14.36
C GLY B 69 -22.01 6.14 14.66
N ASP B 70 -23.07 5.96 13.88
CA ASP B 70 -23.99 4.85 14.13
C ASP B 70 -23.32 3.52 13.81
N ALA B 71 -22.51 3.50 12.76
CA ALA B 71 -21.86 2.26 12.36
C ALA B 71 -20.86 1.80 13.43
N LEU B 72 -20.05 2.74 13.92
CA LEU B 72 -19.03 2.45 14.91
C LEU B 72 -19.62 2.13 16.28
N ASP B 73 -20.75 2.75 16.60
CA ASP B 73 -21.48 2.44 17.83
C ASP B 73 -21.85 0.97 17.90
N GLU B 74 -22.30 0.43 16.77
CA GLU B 74 -22.71 -0.97 16.72
C GLU B 74 -21.51 -1.91 16.70
N ILE B 75 -20.47 -1.54 15.97
CA ILE B 75 -19.36 -2.47 15.72
C ILE B 75 -18.24 -2.43 16.77
N CYS B 76 -18.00 -1.27 17.38
CA CYS B 76 -16.87 -1.12 18.29
C CYS B 76 -17.25 -1.35 19.75
N THR B 77 -16.25 -1.75 20.55
CA THR B 77 -16.38 -1.75 22.00
C THR B 77 -15.26 -0.89 22.59
N SER B 78 -15.17 -0.81 23.91
CA SER B 78 -14.12 -0.02 24.53
C SER B 78 -12.74 -0.66 24.34
N GLU B 79 -12.72 -1.94 24.00
CA GLU B 79 -11.48 -2.67 23.79
C GLU B 79 -10.98 -2.57 22.34
N THR B 80 -11.82 -2.04 21.47
CA THR B 80 -11.52 -1.97 20.04
C THR B 80 -10.37 -1.03 19.73
N LEU B 81 -9.47 -1.45 18.84
CA LEU B 81 -8.53 -0.51 18.25
C LEU B 81 -9.11 -0.02 16.93
N LEU B 82 -9.54 1.22 16.91
CA LEU B 82 -10.07 1.83 15.71
C LEU B 82 -8.96 2.35 14.81
N VAL B 83 -8.86 1.78 13.61
CA VAL B 83 -7.83 2.13 12.64
C VAL B 83 -8.42 2.96 11.50
N VAL B 84 -7.85 4.14 11.24
CA VAL B 84 -8.36 4.98 10.17
C VAL B 84 -7.22 5.29 9.20
N PRO B 85 -7.20 4.60 8.06
CA PRO B 85 -6.17 4.93 7.07
C PRO B 85 -6.39 6.32 6.47
N THR B 86 -5.32 7.09 6.40
CA THR B 86 -5.36 8.44 5.80
C THR B 86 -3.94 8.90 5.52
N PRO B 87 -3.74 9.63 4.40
CA PRO B 87 -2.36 10.08 4.18
C PRO B 87 -1.90 11.10 5.23
N ALA B 88 -2.81 11.58 6.06
CA ALA B 88 -2.46 12.51 7.14
C ALA B 88 -2.21 11.79 8.47
N GLY B 89 -2.11 10.46 8.45
CA GLY B 89 -1.99 9.71 9.70
C GLY B 89 -0.56 9.62 10.21
N TYR B 90 -0.39 9.11 11.44
CA TYR B 90 0.93 8.66 11.88
C TYR B 90 1.37 7.51 10.95
N PRO B 91 2.68 7.33 10.72
CA PRO B 91 3.09 6.25 9.81
C PRO B 91 2.79 4.86 10.38
N PHE B 92 2.25 4.01 9.51
CA PHE B 92 2.10 2.58 9.77
C PHE B 92 3.38 1.89 9.27
N THR B 93 4.12 1.29 10.20
CA THR B 93 5.36 0.60 9.86
C THR B 93 5.34 -0.84 10.38
N GLN B 94 6.41 -1.57 10.13
CA GLN B 94 6.52 -2.94 10.64
C GLN B 94 6.39 -2.96 12.17
N GLU B 95 6.88 -1.93 12.84
CA GLU B 95 6.76 -1.86 14.30
C GLU B 95 5.27 -1.81 14.66
N THR B 96 4.50 -1.01 13.92
CA THR B 96 3.06 -0.91 14.17
C THR B 96 2.38 -2.27 13.95
N ALA B 97 2.86 -2.99 12.94
CA ALA B 97 2.25 -4.27 12.59
C ALA B 97 2.46 -5.26 13.73
N TRP B 98 3.68 -5.29 14.26
CA TRP B 98 3.98 -6.15 15.42
C TRP B 98 3.08 -5.79 16.60
N GLN B 99 2.88 -4.50 16.82
CA GLN B 99 2.06 -4.07 17.95
C GLN B 99 0.60 -4.53 17.77
N TRP B 100 0.05 -4.36 16.58
CA TRP B 100 -1.36 -4.64 16.37
C TRP B 100 -1.61 -6.14 16.26
N SER B 101 -0.55 -6.90 16.05
CA SER B 101 -0.67 -8.33 15.88
C SER B 101 -1.15 -9.01 17.17
N THR B 102 -1.10 -8.30 18.29
CA THR B 102 -1.56 -8.87 19.55
C THR B 102 -2.91 -8.33 20.00
N GLU B 103 -3.55 -7.53 19.15
CA GLU B 103 -4.87 -6.97 19.46
C GLU B 103 -6.00 -7.98 19.29
N ASP B 104 -7.01 -7.89 20.14
CA ASP B 104 -8.21 -8.71 20.02
C ASP B 104 -9.16 -8.23 18.91
N HIS B 105 -9.27 -6.92 18.73
CA HIS B 105 -10.27 -6.40 17.83
C HIS B 105 -9.77 -5.16 17.09
N LEU B 106 -9.61 -5.29 15.78
CA LEU B 106 -9.31 -4.15 14.94
C LEU B 106 -10.56 -3.77 14.14
N VAL B 107 -10.88 -2.49 14.12
CA VAL B 107 -11.93 -2.00 13.25
C VAL B 107 -11.30 -0.98 12.31
N ILE B 108 -11.45 -1.19 11.01
CA ILE B 108 -10.80 -0.34 10.03
C ILE B 108 -11.83 0.48 9.29
N ALA B 109 -11.80 1.78 9.52
CA ALA B 109 -12.77 2.69 8.92
C ALA B 109 -12.19 3.22 7.60
N CYS B 110 -12.76 2.77 6.48
CA CYS B 110 -12.25 3.22 5.20
C CYS B 110 -12.98 4.48 4.73
N GLY B 111 -12.22 5.56 4.57
CA GLY B 111 -12.78 6.81 4.09
C GLY B 111 -12.71 6.87 2.58
N ARG B 112 -13.45 7.81 2.00
CA ARG B 112 -13.38 8.09 0.56
C ARG B 112 -13.31 9.60 0.37
N TYR B 113 -13.15 10.03 -0.87
CA TYR B 113 -13.07 11.46 -1.20
C TYR B 113 -12.00 12.13 -0.37
N GLU B 114 -12.30 13.31 0.19
CA GLU B 114 -11.30 14.09 0.90
C GLU B 114 -11.07 13.66 2.35
N GLY B 115 -11.94 12.80 2.86
CA GLY B 115 -11.72 12.27 4.19
C GLY B 115 -13.01 12.17 4.98
N ILE B 116 -12.87 11.77 6.24
CA ILE B 116 -14.00 11.63 7.15
C ILE B 116 -13.97 12.80 8.12
N ASP B 117 -15.14 13.38 8.37
CA ASP B 117 -15.29 14.44 9.37
C ASP B 117 -14.51 14.10 10.64
N GLN B 118 -13.64 15.01 11.07
CA GLN B 118 -12.71 14.74 12.17
C GLN B 118 -13.44 14.34 13.46
N ARG B 119 -14.70 14.77 13.59
CA ARG B 119 -15.42 14.49 14.82
C ARG B 119 -15.70 13.01 15.01
N VAL B 120 -15.68 12.22 13.92
CA VAL B 120 -15.83 10.78 14.07
C VAL B 120 -14.72 10.20 14.93
N ALA B 121 -13.47 10.53 14.60
CA ALA B 121 -12.34 10.03 15.39
C ALA B 121 -12.28 10.63 16.79
N ASP B 122 -12.59 11.93 16.90
CA ASP B 122 -12.58 12.58 18.21
C ASP B 122 -13.60 11.91 19.15
N ASP B 123 -14.79 11.66 18.62
CA ASP B 123 -15.84 10.97 19.37
C ASP B 123 -15.43 9.56 19.79
N ALA B 124 -14.93 8.78 18.84
CA ALA B 124 -14.57 7.39 19.13
C ALA B 124 -13.49 7.36 20.18
N ALA B 125 -12.60 8.35 20.15
CA ALA B 125 -11.48 8.42 21.08
C ALA B 125 -11.90 8.61 22.54
N THR B 126 -13.14 9.02 22.77
CA THR B 126 -13.64 9.13 24.14
C THR B 126 -14.03 7.77 24.72
N ARG B 127 -14.05 6.72 23.91
CA ARG B 127 -14.41 5.42 24.49
C ARG B 127 -13.52 4.28 24.05
N MET B 128 -12.65 4.52 23.07
CA MET B 128 -11.75 3.47 22.62
C MET B 128 -10.45 4.10 22.12
N ARG B 129 -9.42 3.29 21.91
CA ARG B 129 -8.19 3.77 21.30
C ARG B 129 -8.37 3.96 19.81
N VAL B 130 -7.86 5.07 19.27
CA VAL B 130 -8.00 5.39 17.85
C VAL B 130 -6.62 5.65 17.26
N ARG B 131 -6.38 5.08 16.08
CA ARG B 131 -5.13 5.29 15.37
C ARG B 131 -5.38 5.71 13.92
N GLU B 132 -5.18 7.00 13.62
CA GLU B 132 -5.11 7.47 12.25
C GLU B 132 -3.72 7.18 11.69
N VAL B 133 -3.64 6.42 10.60
CA VAL B 133 -2.34 5.99 10.10
C VAL B 133 -2.20 6.12 8.59
N SER B 134 -0.99 6.45 8.15
CA SER B 134 -0.64 6.43 6.73
CA SER B 134 -0.67 6.40 6.73
C SER B 134 0.18 5.18 6.43
N ILE B 135 -0.14 4.49 5.34
CA ILE B 135 0.66 3.37 4.91
C ILE B 135 1.75 3.82 3.94
N GLY B 136 1.79 5.12 3.66
CA GLY B 136 2.80 5.65 2.76
C GLY B 136 2.40 6.98 2.14
N ASP B 137 3.39 7.67 1.58
CA ASP B 137 3.19 9.05 1.18
C ASP B 137 2.69 9.18 -0.25
N TYR B 138 1.43 8.82 -0.44
CA TYR B 138 0.75 8.95 -1.72
C TYR B 138 -0.73 9.09 -1.39
N VAL B 139 -1.53 9.42 -2.39
CA VAL B 139 -2.95 9.58 -2.17
C VAL B 139 -3.74 8.53 -2.93
N LEU B 140 -4.65 7.88 -2.23
CA LEU B 140 -5.57 6.93 -2.85
C LEU B 140 -6.96 7.55 -2.92
N ASN B 141 -7.86 6.94 -3.69
CA ASN B 141 -9.24 7.42 -3.73
C ASN B 141 -9.98 7.04 -2.46
N GLY B 142 -9.52 5.98 -1.80
CA GLY B 142 -10.18 5.55 -0.58
C GLY B 142 -9.29 4.66 0.26
N GLY B 143 -9.75 4.34 1.47
CA GLY B 143 -8.94 3.59 2.43
C GLY B 143 -8.91 2.08 2.22
N GLU B 144 -9.71 1.58 1.28
CA GLU B 144 -9.87 0.14 1.10
C GLU B 144 -8.55 -0.57 0.79
N ALA B 145 -7.79 -0.02 -0.15
CA ALA B 145 -6.48 -0.61 -0.51
C ALA B 145 -5.54 -0.62 0.70
N ALA B 146 -5.58 0.46 1.47
CA ALA B 146 -4.76 0.56 2.67
C ALA B 146 -5.19 -0.47 3.73
N ALA B 147 -6.50 -0.69 3.82
CA ALA B 147 -7.01 -1.69 4.73
C ALA B 147 -6.42 -3.07 4.41
N LEU B 148 -6.37 -3.38 3.12
CA LEU B 148 -5.81 -4.67 2.68
C LEU B 148 -4.34 -4.78 3.06
N VAL B 149 -3.60 -3.69 2.87
CA VAL B 149 -2.18 -3.67 3.20
C VAL B 149 -1.98 -3.90 4.70
N ILE B 150 -2.74 -3.17 5.51
CA ILE B 150 -2.62 -3.30 6.95
C ILE B 150 -2.97 -4.71 7.42
N ILE B 151 -4.05 -5.26 6.87
CA ILE B 151 -4.49 -6.59 7.26
C ILE B 151 -3.40 -7.62 6.96
N GLU B 152 -2.83 -7.56 5.76
CA GLU B 152 -1.75 -8.47 5.38
C GLU B 152 -0.55 -8.31 6.30
N ALA B 153 -0.15 -7.08 6.54
CA ALA B 153 1.06 -6.85 7.31
C ALA B 153 0.88 -7.37 8.75
N VAL B 154 -0.32 -7.23 9.28
CA VAL B 154 -0.59 -7.65 10.66
C VAL B 154 -0.76 -9.16 10.77
N LEU B 155 -1.56 -9.73 9.87
CA LEU B 155 -1.95 -11.12 10.02
C LEU B 155 -0.77 -12.09 9.91
N ARG B 156 0.25 -11.74 9.14
CA ARG B 156 1.35 -12.68 9.00
C ARG B 156 2.24 -12.68 10.25
N LEU B 157 1.97 -11.75 11.17
CA LEU B 157 2.69 -11.73 12.44
C LEU B 157 1.91 -12.39 13.59
N VAL B 158 0.62 -12.63 13.37
CA VAL B 158 -0.24 -13.22 14.40
C VAL B 158 0.21 -14.62 14.77
N PRO B 159 0.33 -14.90 16.08
CA PRO B 159 0.79 -16.20 16.57
C PRO B 159 0.00 -17.35 15.95
N GLY B 160 0.69 -18.20 15.19
CA GLY B 160 0.05 -19.28 14.47
C GLY B 160 -0.16 -18.95 13.01
N VAL B 161 0.85 -18.34 12.39
CA VAL B 161 0.82 -18.07 10.95
C VAL B 161 2.18 -18.32 10.31
N ALA B 178 13.68 -4.57 11.94
CA ALA B 178 13.96 -4.29 10.54
C ALA B 178 15.26 -3.48 10.41
N SER B 179 15.10 -2.20 10.07
CA SER B 179 16.16 -1.18 10.06
C SER B 179 17.13 -1.26 8.86
N LEU B 180 17.01 -2.29 8.02
CA LEU B 180 17.84 -2.44 6.83
C LEU B 180 17.07 -3.07 5.69
N LEU B 181 17.53 -2.85 4.47
CA LEU B 181 16.95 -3.50 3.29
C LEU B 181 17.66 -4.82 2.98
N GLU B 182 16.90 -5.86 2.70
CA GLU B 182 17.48 -7.13 2.32
C GLU B 182 18.16 -7.00 0.96
N GLY B 183 19.32 -7.62 0.80
CA GLY B 183 20.01 -7.63 -0.47
C GLY B 183 19.38 -8.65 -1.42
N PRO B 184 20.00 -8.87 -2.58
CA PRO B 184 19.35 -9.70 -3.62
C PRO B 184 19.31 -11.17 -3.22
N SER B 185 18.38 -11.92 -3.81
CA SER B 185 18.28 -13.36 -3.58
CA SER B 185 18.29 -13.36 -3.58
C SER B 185 18.41 -14.11 -4.91
N TYR B 186 18.84 -15.36 -4.85
CA TYR B 186 19.05 -16.15 -6.08
C TYR B 186 18.63 -17.58 -5.90
N THR B 187 18.25 -18.23 -7.00
CA THR B 187 17.98 -19.65 -6.90
C THR B 187 18.37 -20.29 -8.23
N ARG B 188 18.12 -21.58 -8.38
CA ARG B 188 18.62 -22.31 -9.55
C ARG B 188 17.98 -21.82 -10.85
N PRO B 189 18.71 -21.92 -11.99
CA PRO B 189 20.06 -22.47 -12.17
C PRO B 189 21.17 -21.50 -11.81
N PRO B 190 22.40 -22.01 -11.58
CA PRO B 190 23.54 -21.17 -11.16
C PRO B 190 23.98 -20.20 -12.27
N SER B 191 23.64 -20.52 -13.50
CA SER B 191 23.87 -19.60 -14.63
CA SER B 191 23.88 -19.63 -14.63
C SER B 191 22.62 -19.53 -15.48
N TRP B 192 22.23 -18.31 -15.84
CA TRP B 192 20.99 -18.10 -16.60
C TRP B 192 21.15 -16.90 -17.52
N ARG B 193 20.97 -17.13 -18.82
CA ARG B 193 21.13 -16.08 -19.84
C ARG B 193 22.49 -15.39 -19.71
N GLY B 194 23.51 -16.15 -19.35
CA GLY B 194 24.85 -15.61 -19.20
C GLY B 194 25.06 -14.85 -17.89
N MET B 195 24.12 -14.97 -16.97
CA MET B 195 24.24 -14.29 -15.67
C MET B 195 24.41 -15.29 -14.54
N ASP B 196 25.53 -15.19 -13.84
CA ASP B 196 25.86 -16.15 -12.79
C ASP B 196 25.36 -15.71 -11.42
N VAL B 197 24.98 -16.68 -10.62
CA VAL B 197 24.75 -16.41 -9.20
C VAL B 197 26.11 -16.06 -8.59
N PRO B 198 26.16 -15.03 -7.72
CA PRO B 198 27.41 -14.70 -7.02
C PRO B 198 28.08 -15.96 -6.47
N PRO B 199 29.34 -16.23 -6.89
CA PRO B 199 30.02 -17.48 -6.54
C PRO B 199 30.05 -17.77 -5.04
N VAL B 200 30.11 -16.74 -4.21
CA VAL B 200 30.20 -16.96 -2.76
C VAL B 200 28.97 -17.73 -2.27
N LEU B 201 27.83 -17.54 -2.93
CA LEU B 201 26.59 -18.19 -2.52
C LEU B 201 26.60 -19.67 -2.85
N LEU B 202 27.51 -20.05 -3.74
CA LEU B 202 27.69 -21.46 -4.12
C LEU B 202 28.82 -22.12 -3.30
N SER B 203 29.51 -21.34 -2.49
CA SER B 203 30.73 -21.80 -1.82
C SER B 203 30.49 -22.65 -0.57
N GLY B 204 29.26 -22.64 -0.06
CA GLY B 204 28.95 -23.38 1.16
C GLY B 204 29.61 -22.83 2.43
N ASP B 205 30.35 -21.74 2.28
CA ASP B 205 30.98 -21.09 3.44
C ASP B 205 30.01 -20.14 4.12
N HIS B 206 29.38 -20.60 5.20
CA HIS B 206 28.32 -19.84 5.87
C HIS B 206 28.78 -18.46 6.36
N ALA B 207 30.00 -18.39 6.88
CA ALA B 207 30.51 -17.13 7.40
C ALA B 207 30.71 -16.11 6.27
N LYS B 208 31.21 -16.59 5.13
CA LYS B 208 31.41 -15.73 3.97
C LYS B 208 30.07 -15.33 3.34
N ILE B 209 29.14 -16.28 3.29
CA ILE B 209 27.79 -15.97 2.80
C ILE B 209 27.14 -14.93 3.71
N ALA B 210 27.29 -15.10 5.02
CA ALA B 210 26.72 -14.16 5.97
C ALA B 210 27.31 -12.78 5.79
N ALA B 211 28.63 -12.72 5.60
CA ALA B 211 29.31 -11.43 5.44
C ALA B 211 28.90 -10.77 4.13
N TRP B 212 28.81 -11.55 3.07
CA TRP B 212 28.44 -11.00 1.78
C TRP B 212 27.02 -10.43 1.81
N ARG B 213 26.10 -11.18 2.40
CA ARG B 213 24.71 -10.75 2.47
C ARG B 213 24.56 -9.50 3.35
N ALA B 214 25.32 -9.45 4.43
CA ALA B 214 25.32 -8.26 5.29
C ALA B 214 25.82 -7.06 4.51
N GLU B 215 26.89 -7.26 3.74
CA GLU B 215 27.43 -6.17 2.92
C GLU B 215 26.44 -5.73 1.84
N GLN B 216 25.86 -6.68 1.11
CA GLN B 216 24.86 -6.35 0.11
C GLN B 216 23.69 -5.57 0.71
N SER B 217 23.24 -5.99 1.89
CA SER B 217 22.12 -5.33 2.57
CA SER B 217 22.12 -5.33 2.55
C SER B 217 22.47 -3.87 2.85
N ARG B 218 23.63 -3.64 3.46
CA ARG B 218 24.03 -2.28 3.80
C ARG B 218 24.27 -1.43 2.55
N GLN B 219 24.88 -2.02 1.52
CA GLN B 219 25.09 -1.29 0.27
C GLN B 219 23.77 -0.88 -0.42
N ARG B 220 22.80 -1.80 -0.42
CA ARG B 220 21.49 -1.51 -0.99
C ARG B 220 20.75 -0.44 -0.18
N THR B 221 20.91 -0.49 1.13
CA THR B 221 20.23 0.45 2.02
C THR B 221 20.78 1.87 1.84
N ILE B 222 22.10 1.99 1.72
CA ILE B 222 22.67 3.31 1.54
C ILE B 222 22.24 3.87 0.18
N GLU B 223 22.09 3.00 -0.81
CA GLU B 223 21.70 3.42 -2.15
C GLU B 223 20.23 3.84 -2.23
N ARG B 224 19.34 3.01 -1.71
CA ARG B 224 17.90 3.21 -1.88
C ARG B 224 17.22 3.92 -0.71
N ARG B 225 17.73 3.71 0.50
CA ARG B 225 17.09 4.28 1.69
C ARG B 225 18.10 4.83 2.71
N PRO B 226 18.88 5.85 2.30
CA PRO B 226 19.93 6.34 3.19
C PRO B 226 19.39 6.82 4.54
N ASP B 227 18.10 7.17 4.57
CA ASP B 227 17.47 7.64 5.81
C ASP B 227 17.50 6.55 6.89
N LEU B 228 17.49 5.29 6.46
CA LEU B 228 17.43 4.18 7.42
C LEU B 228 18.73 4.07 8.21
N LEU B 229 19.82 4.54 7.62
CA LEU B 229 21.13 4.52 8.27
C LEU B 229 21.50 5.88 8.81
N GLY B 230 20.55 6.80 8.84
CA GLY B 230 20.76 8.11 9.42
C GLY B 230 21.42 9.14 8.50
N PHE B 231 21.13 9.05 7.21
CA PHE B 231 21.69 9.99 6.23
C PHE B 231 20.61 10.79 5.51
N ASP B 232 20.97 11.93 4.95
CA ASP B 232 20.03 12.76 4.21
C ASP B 232 19.44 11.99 3.04
N SER B 233 18.13 12.15 2.83
CA SER B 233 17.44 11.60 1.66
C SER B 233 17.80 12.38 0.41
N PRO B 234 17.74 11.73 -0.76
CA PRO B 234 18.11 12.36 -2.03
C PRO B 234 17.21 13.53 -2.40
C10 JF5 C . 7.32 -8.64 -1.30
C13 JF5 C . 9.87 -9.70 -1.23
C15 JF5 C . 8.12 -8.60 -2.44
O01 JF5 C . 5.86 -6.70 0.95
C02 JF5 C . 5.98 -6.01 -0.04
C03 JF5 C . 6.13 -4.49 0.06
C04 JF5 C . 6.14 -3.62 -1.00
N05 JF5 C . 6.29 -2.40 -0.50
N06 JF5 C . 6.42 -2.44 0.85
C07 JF5 C . 6.30 -3.75 1.22
O08 JF5 C . 5.99 -6.61 -1.33
C09 JF5 C . 5.91 -8.05 -1.33
C11 JF5 C . 7.79 -9.22 -0.13
C12 JF5 C . 9.07 -9.75 -0.11
C14 JF5 C . 9.40 -9.13 -2.41
C10 JF5 D . 11.96 -3.31 5.35
C13 JF5 D . 10.58 -2.06 7.39
C15 JF5 D . 12.29 -2.00 5.71
O01 JF5 D . 14.04 -5.71 2.62
C02 JF5 D . 13.17 -6.18 3.32
C03 JF5 D . 12.68 -7.61 3.09
C04 JF5 D . 12.67 -8.28 1.90
N05 JF5 D . 12.16 -9.49 2.14
N06 JF5 D . 11.85 -9.63 3.45
C07 JF5 D . 12.17 -8.46 4.07
O08 JF5 D . 12.62 -5.42 4.39
C09 JF5 D . 12.73 -4.00 4.22
C11 JF5 D . 10.95 -3.98 6.02
C12 JF5 D . 10.25 -3.35 7.04
C14 JF5 D . 11.60 -1.38 6.73
C10 JF5 E . 0.89 13.65 1.95
C13 JF5 E . 2.74 12.90 0.05
C15 JF5 E . 0.46 13.13 0.74
O01 JF5 E . -2.34 15.05 4.33
C02 JF5 E . -2.39 14.82 3.15
C03 JF5 E . -3.74 14.54 2.47
C04 JF5 E . -3.98 14.46 1.12
N05 JF5 E . -5.28 14.20 0.95
N06 JF5 E . -5.90 14.11 2.16
C07 JF5 E . -4.96 14.31 3.12
O08 JF5 E . -1.20 14.79 2.38
C09 JF5 E . -0.13 14.07 3.01
C11 JF5 E . 2.24 13.80 2.21
C12 JF5 E . 3.18 13.42 1.26
C14 JF5 E . 1.39 12.76 -0.22
C10 JF5 F . -7.74 8.45 2.13
C13 JF5 F . -8.35 11.02 2.99
C15 JF5 F . -7.51 9.54 1.29
O01 JF5 F . -5.06 7.47 0.61
C02 JF5 F . -5.03 6.88 1.67
C03 JF5 F . -3.70 6.56 2.32
C04 JF5 F . -3.49 5.89 3.51
N05 JF5 F . -2.17 5.87 3.72
N06 JF5 F . -1.51 6.50 2.70
C07 JF5 F . -2.46 6.94 1.82
O08 JF5 F . -6.24 6.54 2.33
C09 JF5 F . -7.41 7.03 1.67
C11 JF5 F . -8.29 8.66 3.37
C12 JF5 F . -8.59 9.94 3.81
C14 JF5 F . -7.81 10.82 1.72
S SO4 G . -4.42 5.90 23.56
O1 SO4 G . -5.13 5.99 22.28
O2 SO4 G . -5.41 5.94 24.65
O3 SO4 G . -3.49 7.02 23.70
O4 SO4 G . -3.69 4.63 23.63
#